data_6D6Y
#
_entry.id   6D6Y
#
_cell.length_a   151.395
_cell.length_b   54.206
_cell.length_c   109.300
_cell.angle_alpha   90.000
_cell.angle_beta   131.810
_cell.angle_gamma   90.000
#
_symmetry.space_group_name_H-M   'C 1 2 1'
#
loop_
_entity.id
_entity.type
_entity.pdbx_description
1 polymer 'AprA Methyltransferase 2'
2 non-polymer 'trimethylamine oxide'
3 non-polymer S-ADENOSYL-L-HOMOCYSTEINE
4 water water
#
_entity_poly.entity_id   1
_entity_poly.type   'polypeptide(L)'
_entity_poly.pdbx_seq_one_letter_code
;SNAEKRKYQIRYATVNDIPNLLKCATFNQPVNEPFFQVLLKQTPTAHLLLEYQGELVAAIFTETKNSNEVLGIREFLVRT
SVENWQVLAKDLLEFVEQWGVVKPGIKEIEGLLKYHEAISNFQKSKWYQSSVLNKKLIEKITLHELATLELCNLMAPEYE
LEAFAARWLLRVFQDMGVFLREGESYQESELVSQLNISPRYQRLLGALLQILHKRGILKIEKDRVFTLARCKTFALENIS
SEVSAFYDYFSEKYPAHLSWLTVVKRCLEKYPLILRGEVDVNEVVFTDGDMELFAGLFLGHRVADYFNELLADGVCWEVE
QRLLEEKRAQPIRILEIGAGTGGVTGILLEKLASHAEQIEFWFTDISSVFTRYGESKFKQFPWVKYQTFDIEKSLDAQGI
KSESFDVVIANNVLHNTKLIHQTLNNSNSLLNTGGLLALLEFTQPIDILLYFGGLLQGFWLFEDPEYRLEVGCLLSIPLW
QKVLSDCGFDEIIPLGLPCEMHALSKARESVIFARKHQVQEKT
;
_entity_poly.pdbx_strand_id   A
#
# COMPACT_ATOMS: atom_id res chain seq x y z
N LYS A 7 27.56 -18.28 -28.19
CA LYS A 7 27.41 -17.00 -27.54
C LYS A 7 27.05 -17.12 -26.04
N TYR A 8 26.30 -18.16 -25.64
CA TYR A 8 25.95 -18.36 -24.23
C TYR A 8 26.33 -19.75 -23.75
N GLN A 9 26.36 -19.93 -22.42
CA GLN A 9 26.81 -21.18 -21.82
C GLN A 9 25.81 -21.70 -20.79
N ILE A 10 25.48 -22.99 -20.89
CA ILE A 10 24.68 -23.71 -19.92
C ILE A 10 25.62 -24.59 -19.09
N ARG A 11 25.55 -24.45 -17.77
CA ARG A 11 26.39 -25.22 -16.86
C ARG A 11 25.63 -25.46 -15.57
N TYR A 12 26.23 -26.25 -14.67
CA TYR A 12 25.65 -26.45 -13.34
C TYR A 12 25.83 -25.20 -12.49
N ALA A 13 24.75 -24.81 -11.80
CA ALA A 13 24.86 -23.87 -10.70
C ALA A 13 25.83 -24.40 -9.64
N THR A 14 26.48 -23.48 -8.93
CA THR A 14 27.28 -23.79 -7.75
C THR A 14 26.93 -22.80 -6.65
N VAL A 15 27.49 -22.99 -5.45
CA VAL A 15 27.14 -22.08 -4.38
C VAL A 15 27.70 -20.70 -4.66
N ASN A 16 28.70 -20.61 -5.51
CA ASN A 16 29.27 -19.31 -5.87
C ASN A 16 28.31 -18.49 -6.70
N ASP A 17 27.31 -19.10 -7.30
CA ASP A 17 26.28 -18.42 -8.08
C ASP A 17 25.12 -17.91 -7.22
N ILE A 18 25.15 -18.14 -5.91
CA ILE A 18 23.97 -17.81 -5.10
C ILE A 18 23.74 -16.30 -5.02
N PRO A 19 24.77 -15.46 -4.82
CA PRO A 19 24.52 -14.01 -4.92
C PRO A 19 23.75 -13.60 -6.16
N ASN A 20 24.12 -14.12 -7.32
CA ASN A 20 23.43 -13.70 -8.54
C ASN A 20 22.04 -14.33 -8.65
N LEU A 21 21.87 -15.55 -8.14
CA LEU A 21 20.54 -16.16 -8.18
C LEU A 21 19.56 -15.37 -7.31
N LEU A 22 20.01 -14.77 -6.21
CA LEU A 22 19.12 -13.99 -5.36
C LEU A 22 18.54 -12.75 -6.07
N LYS A 23 19.19 -12.27 -7.13
CA LYS A 23 18.69 -11.13 -7.90
C LYS A 23 17.66 -11.52 -8.98
N CYS A 24 17.26 -12.78 -9.04
CA CYS A 24 16.38 -13.22 -10.12
C CYS A 24 14.90 -13.10 -9.70
N ALA A 25 14.04 -12.99 -10.69
CA ALA A 25 12.63 -13.24 -10.46
C ALA A 25 12.38 -14.75 -10.44
N THR A 26 11.53 -15.19 -9.52
CA THR A 26 11.23 -16.60 -9.34
C THR A 26 9.75 -16.85 -9.54
N PHE A 27 9.46 -18.02 -10.10
CA PHE A 27 8.12 -18.44 -10.48
C PHE A 27 7.36 -19.13 -9.34
N ASN A 28 8.03 -19.89 -8.46
CA ASN A 28 7.31 -20.71 -7.49
C ASN A 28 7.24 -20.11 -6.08
N GLN A 29 8.23 -19.33 -5.66
CA GLN A 29 8.28 -18.82 -4.29
C GLN A 29 9.47 -17.88 -4.17
N PRO A 30 9.54 -17.05 -3.13
CA PRO A 30 10.71 -16.17 -2.97
C PRO A 30 11.99 -16.95 -2.80
N VAL A 31 13.10 -16.33 -3.18
CA VAL A 31 14.43 -16.94 -3.04
C VAL A 31 14.75 -17.05 -1.56
N ASN A 32 15.79 -17.81 -1.24
CA ASN A 32 16.19 -18.03 0.14
C ASN A 32 17.62 -18.54 0.14
N GLU A 33 18.56 -17.68 0.52
CA GLU A 33 19.98 -17.98 0.49
C GLU A 33 20.26 -19.33 1.15
N PRO A 34 19.92 -19.55 2.44
CA PRO A 34 20.23 -20.85 3.05
C PRO A 34 19.56 -22.03 2.39
N PHE A 35 18.48 -21.83 1.64
CA PHE A 35 17.84 -22.97 1.00
C PHE A 35 18.54 -23.35 -0.30
N PHE A 36 18.95 -22.37 -1.11
CA PHE A 36 19.79 -22.65 -2.26
C PHE A 36 21.05 -23.40 -1.87
N GLN A 37 21.68 -23.02 -0.75
CA GLN A 37 22.83 -23.74 -0.21
C GLN A 37 22.54 -25.23 -0.08
N VAL A 38 21.40 -25.58 0.52
CA VAL A 38 21.13 -26.96 0.87
C VAL A 38 20.82 -27.78 -0.39
N LEU A 39 20.16 -27.17 -1.37
CA LEU A 39 19.89 -27.88 -2.61
C LEU A 39 21.17 -28.12 -3.40
N LEU A 40 22.07 -27.12 -3.43
CA LEU A 40 23.34 -27.28 -4.13
C LEU A 40 24.28 -28.22 -3.40
N LYS A 41 24.18 -28.30 -2.07
CA LYS A 41 24.99 -29.27 -1.32
C LYS A 41 24.47 -30.69 -1.53
N GLN A 42 23.14 -30.87 -1.53
CA GLN A 42 22.61 -32.22 -1.56
C GLN A 42 22.62 -32.82 -2.95
N THR A 43 22.36 -32.01 -3.98
CA THR A 43 22.31 -32.49 -5.36
C THR A 43 23.12 -31.53 -6.23
N PRO A 44 24.44 -31.64 -6.21
CA PRO A 44 25.29 -30.68 -6.92
C PRO A 44 25.19 -30.72 -8.44
N THR A 45 24.55 -31.74 -9.04
CA THR A 45 24.44 -31.83 -10.49
C THR A 45 22.99 -31.90 -10.94
N ALA A 46 22.09 -31.31 -10.16
CA ALA A 46 20.68 -31.32 -10.50
C ALA A 46 20.17 -29.96 -10.94
N HIS A 47 21.02 -28.92 -10.93
CA HIS A 47 20.58 -27.53 -11.08
C HIS A 47 21.43 -26.84 -12.13
N LEU A 48 20.77 -26.38 -13.19
CA LEU A 48 21.40 -25.79 -14.36
C LEU A 48 21.17 -24.28 -14.41
N LEU A 49 22.12 -23.55 -14.98
CA LEU A 49 21.95 -22.13 -15.21
C LEU A 49 22.44 -21.80 -16.61
N LEU A 50 21.97 -20.67 -17.13
CA LEU A 50 22.39 -20.18 -18.42
C LEU A 50 23.03 -18.81 -18.23
N GLU A 51 24.25 -18.68 -18.75
CA GLU A 51 25.09 -17.48 -18.67
C GLU A 51 25.31 -16.93 -20.07
N TYR A 52 25.34 -15.60 -20.18
CA TYR A 52 25.60 -14.93 -21.44
C TYR A 52 26.54 -13.78 -21.15
N GLN A 53 27.81 -13.93 -21.52
CA GLN A 53 28.85 -12.94 -21.25
C GLN A 53 28.97 -12.72 -19.74
N GLY A 54 29.18 -13.83 -19.02
CA GLY A 54 29.37 -13.78 -17.58
C GLY A 54 28.13 -13.41 -16.78
N GLU A 55 27.12 -12.84 -17.43
CA GLU A 55 25.89 -12.45 -16.76
C GLU A 55 24.95 -13.64 -16.64
N LEU A 56 24.43 -13.85 -15.43
CA LEU A 56 23.40 -14.86 -15.19
C LEU A 56 22.08 -14.44 -15.83
N VAL A 57 21.45 -15.35 -16.57
CA VAL A 57 20.21 -15.07 -17.30
C VAL A 57 19.04 -15.91 -16.77
N ALA A 58 19.19 -17.23 -16.72
CA ALA A 58 18.11 -18.05 -16.22
C ALA A 58 18.70 -19.28 -15.53
N ALA A 59 17.94 -19.83 -14.59
CA ALA A 59 18.42 -21.00 -13.86
C ALA A 59 17.23 -21.87 -13.50
N ILE A 60 17.49 -23.17 -13.41
CA ILE A 60 16.44 -24.15 -13.14
C ILE A 60 16.93 -25.11 -12.09
N PHE A 61 16.19 -25.21 -11.00
CA PHE A 61 16.44 -26.20 -9.96
C PHE A 61 15.42 -27.33 -10.12
N THR A 62 15.91 -28.56 -10.13
CA THR A 62 15.06 -29.73 -10.28
C THR A 62 15.05 -30.53 -8.99
N GLU A 63 14.08 -31.44 -8.88
CA GLU A 63 13.98 -32.42 -7.81
C GLU A 63 13.50 -33.72 -8.43
N THR A 64 13.87 -34.85 -7.81
CA THR A 64 13.32 -36.14 -8.19
C THR A 64 12.23 -36.51 -7.20
N LYS A 65 11.13 -37.08 -7.70
CA LYS A 65 9.94 -37.29 -6.91
C LYS A 65 9.45 -38.72 -7.14
N ASN A 66 8.38 -39.07 -6.43
CA ASN A 66 7.60 -40.29 -6.70
C ASN A 66 8.49 -41.54 -6.72
N SER A 67 9.22 -41.76 -5.64
CA SER A 67 10.15 -42.89 -5.56
C SER A 67 11.21 -42.81 -6.67
N ASN A 68 11.68 -41.60 -6.95
CA ASN A 68 12.83 -41.32 -7.81
C ASN A 68 12.59 -41.57 -9.31
N GLU A 69 11.35 -41.56 -9.80
CA GLU A 69 11.11 -41.88 -11.22
C GLU A 69 10.75 -40.69 -12.08
N VAL A 70 10.14 -39.65 -11.51
CA VAL A 70 9.82 -38.46 -12.28
C VAL A 70 10.64 -37.27 -11.80
N LEU A 71 10.98 -36.40 -12.75
CA LEU A 71 11.78 -35.22 -12.50
C LEU A 71 10.87 -34.00 -12.48
N GLY A 72 11.05 -33.16 -11.48
CA GLY A 72 10.23 -31.97 -11.40
C GLY A 72 11.06 -30.71 -11.38
N ILE A 73 10.47 -29.58 -11.76
CA ILE A 73 11.12 -28.30 -11.58
C ILE A 73 10.77 -27.83 -10.18
N ARG A 74 11.81 -27.53 -9.39
CA ARG A 74 11.59 -26.95 -8.08
C ARG A 74 11.66 -25.43 -8.11
N GLU A 75 12.45 -24.84 -8.99
CA GLU A 75 12.31 -23.42 -9.18
C GLU A 75 12.85 -23.04 -10.56
N PHE A 76 12.23 -22.02 -11.14
CA PHE A 76 12.63 -21.43 -12.40
C PHE A 76 12.97 -19.97 -12.08
N LEU A 77 14.25 -19.62 -12.19
CA LEU A 77 14.75 -18.27 -11.94
C LEU A 77 15.09 -17.61 -13.27
N VAL A 78 14.72 -16.32 -13.42
CA VAL A 78 15.02 -15.56 -14.62
C VAL A 78 15.51 -14.17 -14.23
N ARG A 79 16.34 -13.59 -15.09
CA ARG A 79 16.95 -12.28 -14.89
C ARG A 79 16.34 -11.36 -15.94
N THR A 80 15.25 -10.69 -15.57
CA THR A 80 14.39 -10.01 -16.54
C THR A 80 15.04 -8.79 -17.17
N SER A 81 16.08 -8.24 -16.55
CA SER A 81 16.76 -7.08 -17.12
C SER A 81 17.75 -7.44 -18.22
N VAL A 82 17.97 -8.74 -18.49
CA VAL A 82 18.79 -9.13 -19.64
C VAL A 82 17.93 -9.01 -20.88
N GLU A 83 18.54 -8.59 -21.98
CA GLU A 83 17.77 -8.19 -23.16
C GLU A 83 16.85 -9.29 -23.67
N ASN A 84 17.41 -10.30 -24.33
CA ASN A 84 16.56 -11.32 -24.96
C ASN A 84 16.29 -12.49 -24.03
N TRP A 85 16.01 -12.23 -22.74
CA TRP A 85 16.03 -13.31 -21.77
C TRP A 85 14.98 -14.37 -22.05
N GLN A 86 13.84 -14.00 -22.65
CA GLN A 86 12.77 -14.98 -22.84
C GLN A 86 13.17 -16.07 -23.83
N VAL A 87 13.89 -15.74 -24.91
CA VAL A 87 14.34 -16.82 -25.78
C VAL A 87 15.43 -17.64 -25.09
N LEU A 88 16.28 -17.00 -24.28
CA LEU A 88 17.32 -17.73 -23.56
C LEU A 88 16.72 -18.69 -22.53
N ALA A 89 15.69 -18.23 -21.79
CA ALA A 89 15.07 -19.11 -20.80
C ALA A 89 14.33 -20.26 -21.47
N LYS A 90 13.77 -20.02 -22.65
CA LYS A 90 13.20 -21.13 -23.42
C LYS A 90 14.28 -22.13 -23.79
N ASP A 91 15.44 -21.64 -24.25
CA ASP A 91 16.55 -22.54 -24.56
C ASP A 91 16.98 -23.34 -23.33
N LEU A 92 16.95 -22.77 -22.13
CA LEU A 92 17.37 -23.54 -20.96
C LEU A 92 16.31 -24.56 -20.60
N LEU A 93 15.02 -24.18 -20.70
CA LEU A 93 13.94 -25.14 -20.52
C LEU A 93 14.09 -26.35 -21.43
N GLU A 94 14.34 -26.11 -22.72
CA GLU A 94 14.44 -27.23 -23.66
C GLU A 94 15.69 -28.05 -23.40
N PHE A 95 16.79 -27.42 -22.99
CA PHE A 95 17.93 -28.20 -22.55
C PHE A 95 17.55 -29.12 -21.39
N VAL A 96 16.87 -28.57 -20.38
CA VAL A 96 16.62 -29.34 -19.17
C VAL A 96 15.75 -30.55 -19.48
N GLU A 97 14.78 -30.38 -20.38
CA GLU A 97 13.96 -31.52 -20.80
C GLU A 97 14.82 -32.63 -21.41
N GLN A 98 15.72 -32.27 -22.33
CA GLN A 98 16.59 -33.27 -22.95
C GLN A 98 17.52 -33.91 -21.94
N TRP A 99 18.16 -33.08 -21.12
CA TRP A 99 19.11 -33.56 -20.13
C TRP A 99 18.42 -34.37 -19.04
N GLY A 100 17.15 -34.10 -18.76
CA GLY A 100 16.45 -34.77 -17.66
C GLY A 100 15.90 -36.15 -17.96
N VAL A 101 15.36 -36.36 -19.17
CA VAL A 101 14.76 -37.64 -19.50
C VAL A 101 15.80 -38.75 -19.66
N VAL A 102 17.07 -38.41 -19.88
CA VAL A 102 18.11 -39.43 -20.01
C VAL A 102 18.95 -39.56 -18.74
N LYS A 103 18.55 -38.90 -17.66
CA LYS A 103 19.25 -39.05 -16.40
C LYS A 103 18.94 -40.42 -15.80
N PRO A 104 19.89 -41.00 -15.05
CA PRO A 104 19.68 -42.35 -14.49
C PRO A 104 18.41 -42.49 -13.68
N GLY A 105 17.48 -43.30 -14.18
CA GLY A 105 16.30 -43.68 -13.43
C GLY A 105 15.03 -42.93 -13.76
N ILE A 106 15.13 -41.74 -14.35
CA ILE A 106 13.94 -40.93 -14.54
C ILE A 106 13.09 -41.48 -15.68
N LYS A 107 11.77 -41.44 -15.49
CA LYS A 107 10.80 -41.84 -16.51
C LYS A 107 10.24 -40.64 -17.27
N GLU A 108 9.77 -39.62 -16.54
CA GLU A 108 9.04 -38.50 -17.12
C GLU A 108 9.47 -37.20 -16.44
N ILE A 109 9.41 -36.11 -17.20
CA ILE A 109 9.57 -34.76 -16.66
C ILE A 109 8.19 -34.19 -16.39
N GLU A 110 7.97 -33.73 -15.16
CA GLU A 110 6.65 -33.31 -14.71
C GLU A 110 6.45 -31.84 -15.03
N GLY A 111 5.47 -31.56 -15.90
CA GLY A 111 4.81 -30.28 -15.97
C GLY A 111 5.64 -29.14 -16.51
N LEU A 112 6.14 -29.28 -17.74
CA LEU A 112 6.96 -28.23 -18.32
C LEU A 112 6.14 -27.16 -19.01
N LEU A 113 4.90 -27.48 -19.39
CA LEU A 113 4.14 -26.55 -20.20
C LEU A 113 3.81 -25.29 -19.42
N LYS A 114 3.61 -25.38 -18.10
CA LYS A 114 3.33 -24.18 -17.31
C LYS A 114 4.51 -23.20 -17.35
N TYR A 115 5.75 -23.71 -17.36
CA TYR A 115 6.91 -22.82 -17.40
C TYR A 115 7.07 -22.20 -18.77
N HIS A 116 6.87 -22.98 -19.82
CA HIS A 116 6.88 -22.47 -21.19
C HIS A 116 5.88 -21.31 -21.35
N GLU A 117 4.64 -21.49 -20.89
CA GLU A 117 3.64 -20.44 -21.00
C GLU A 117 4.03 -19.20 -20.19
N ALA A 118 4.60 -19.41 -19.00
CA ALA A 118 4.91 -18.30 -18.11
C ALA A 118 5.90 -17.34 -18.75
N ILE A 119 6.91 -17.86 -19.46
CA ILE A 119 7.95 -16.99 -20.00
C ILE A 119 7.50 -16.33 -21.29
N SER A 120 6.76 -17.04 -22.15
CA SER A 120 6.38 -16.45 -23.43
C SER A 120 5.30 -15.38 -23.28
N ASN A 121 4.35 -15.57 -22.36
CA ASN A 121 3.39 -14.53 -22.02
C ASN A 121 3.76 -14.02 -20.64
N PHE A 122 4.76 -13.15 -20.60
CA PHE A 122 5.32 -12.73 -19.32
C PHE A 122 4.41 -11.73 -18.62
N GLN A 123 4.12 -12.01 -17.35
CA GLN A 123 3.27 -11.19 -16.52
C GLN A 123 4.05 -10.96 -15.22
N LYS A 124 4.76 -9.84 -15.16
CA LYS A 124 5.73 -9.60 -14.09
C LYS A 124 5.16 -9.74 -12.68
N SER A 125 3.84 -9.56 -12.50
CA SER A 125 3.28 -9.56 -11.14
C SER A 125 3.00 -10.96 -10.60
N LYS A 126 2.86 -11.97 -11.47
CA LYS A 126 2.82 -13.35 -11.02
C LYS A 126 4.12 -13.71 -10.30
N TRP A 127 5.24 -13.37 -10.92
CA TRP A 127 6.54 -13.82 -10.45
C TRP A 127 6.91 -13.15 -9.14
N TYR A 128 7.35 -13.94 -8.18
CA TYR A 128 7.98 -13.38 -7.00
C TYR A 128 9.30 -12.71 -7.37
N GLN A 129 9.64 -11.70 -6.61
CA GLN A 129 10.98 -11.12 -6.59
C GLN A 129 11.42 -11.11 -5.14
N SER A 130 12.70 -10.97 -4.90
CA SER A 130 13.19 -11.06 -3.55
C SER A 130 14.27 -10.02 -3.32
N SER A 131 14.73 -9.98 -2.07
CA SER A 131 15.66 -9.03 -1.49
C SER A 131 15.71 -9.37 -0.02
N VAL A 132 16.75 -8.92 0.66
CA VAL A 132 16.78 -9.09 2.11
C VAL A 132 15.53 -8.50 2.73
N LEU A 133 15.12 -7.32 2.25
CA LEU A 133 13.96 -6.61 2.79
C LEU A 133 12.69 -7.46 2.68
N ASN A 134 12.36 -7.92 1.48
CA ASN A 134 11.20 -8.79 1.30
C ASN A 134 11.20 -9.95 2.27
N LYS A 135 12.31 -10.66 2.38
CA LYS A 135 12.32 -11.87 3.21
C LYS A 135 12.10 -11.54 4.68
N LYS A 136 12.78 -10.49 5.21
CA LYS A 136 12.60 -10.13 6.61
C LYS A 136 11.17 -9.69 6.94
N LEU A 137 10.45 -9.05 5.99
CA LEU A 137 9.10 -8.58 6.34
C LEU A 137 8.09 -9.71 6.35
N ILE A 138 8.25 -10.69 5.44
CA ILE A 138 7.38 -11.85 5.44
C ILE A 138 7.51 -12.61 6.76
N GLU A 139 8.74 -12.81 7.24
CA GLU A 139 8.95 -13.49 8.51
C GLU A 139 8.28 -12.74 9.63
N LYS A 140 8.46 -11.43 9.66
CA LYS A 140 7.86 -10.61 10.69
C LYS A 140 6.34 -10.75 10.70
N ILE A 141 5.72 -10.75 9.52
CA ILE A 141 4.26 -10.86 9.43
C ILE A 141 3.82 -12.24 9.86
N THR A 142 4.55 -13.26 9.41
CA THR A 142 4.19 -14.65 9.67
C THR A 142 4.18 -14.94 11.16
N LEU A 143 5.11 -14.32 11.89
CA LEU A 143 5.31 -14.62 13.30
C LEU A 143 4.69 -13.56 14.19
N HIS A 144 3.94 -12.63 13.62
CA HIS A 144 3.47 -11.52 14.41
C HIS A 144 2.43 -11.99 15.41
N GLU A 145 2.32 -11.27 16.53
CA GLU A 145 1.31 -11.63 17.54
C GLU A 145 -0.09 -11.65 16.95
N LEU A 146 -0.35 -10.83 15.94
CA LEU A 146 -1.64 -10.76 15.27
C LEU A 146 -1.85 -11.87 14.23
N ALA A 147 -0.85 -12.72 13.98
CA ALA A 147 -1.01 -13.72 12.93
C ALA A 147 -2.13 -14.72 13.26
N THR A 148 -2.51 -14.84 14.52
CA THR A 148 -3.50 -15.80 14.97
C THR A 148 -4.94 -15.27 14.86
N LEU A 149 -5.13 -13.97 14.71
CA LEU A 149 -6.47 -13.40 14.65
C LEU A 149 -6.95 -13.21 13.21
N GLU A 150 -8.27 -13.05 13.07
CA GLU A 150 -8.91 -12.90 11.76
C GLU A 150 -9.57 -11.52 11.67
N LEU A 151 -9.91 -11.13 10.44
CA LEU A 151 -10.41 -9.77 10.17
C LEU A 151 -11.53 -9.34 11.10
N CYS A 152 -12.49 -10.23 11.37
CA CYS A 152 -13.65 -9.84 12.18
C CYS A 152 -13.23 -9.37 13.56
N ASN A 153 -12.19 -9.98 14.14
CA ASN A 153 -11.65 -9.52 15.41
C ASN A 153 -10.89 -8.21 15.25
N LEU A 154 -9.90 -8.19 14.34
CA LEU A 154 -9.02 -7.03 14.18
C LEU A 154 -9.75 -5.76 13.75
N MET A 155 -10.69 -5.86 12.80
CA MET A 155 -11.38 -4.68 12.29
C MET A 155 -12.71 -4.40 12.93
N ALA A 156 -13.10 -5.15 13.97
CA ALA A 156 -14.34 -4.88 14.69
C ALA A 156 -14.60 -3.39 14.95
N PRO A 157 -13.67 -2.61 15.51
CA PRO A 157 -14.00 -1.20 15.80
C PRO A 157 -14.41 -0.44 14.54
N GLU A 158 -13.58 -0.54 13.49
CA GLU A 158 -13.90 0.08 12.21
C GLU A 158 -15.25 -0.39 11.69
N TYR A 159 -15.49 -1.70 11.73
CA TYR A 159 -16.75 -2.18 11.18
C TYR A 159 -17.93 -1.57 11.92
N GLU A 160 -17.88 -1.53 13.26
CA GLU A 160 -19.05 -1.10 14.01
C GLU A 160 -19.26 0.39 13.88
N LEU A 161 -18.16 1.16 13.89
CA LEU A 161 -18.25 2.59 13.61
C LEU A 161 -18.90 2.84 12.25
N GLU A 162 -18.45 2.11 11.21
CA GLU A 162 -18.97 2.36 9.88
C GLU A 162 -20.44 2.00 9.77
N ALA A 163 -20.87 0.93 10.47
CA ALA A 163 -22.28 0.54 10.43
C ALA A 163 -23.15 1.61 11.08
N PHE A 164 -22.74 2.11 12.25
CA PHE A 164 -23.51 3.17 12.89
C PHE A 164 -23.48 4.46 12.06
N ALA A 165 -22.32 4.81 11.54
CA ALA A 165 -22.20 6.08 10.81
C ALA A 165 -23.08 6.08 9.56
N ALA A 166 -23.27 4.92 8.93
CA ALA A 166 -24.13 4.85 7.76
C ALA A 166 -25.59 5.07 8.13
N ARG A 167 -26.01 4.63 9.32
CA ARG A 167 -27.38 4.86 9.73
C ARG A 167 -27.60 6.33 10.00
N TRP A 168 -26.59 6.96 10.57
CA TRP A 168 -26.60 8.40 10.78
C TRP A 168 -26.62 9.14 9.44
N LEU A 169 -25.80 8.71 8.49
CA LEU A 169 -25.71 9.42 7.22
C LEU A 169 -27.04 9.39 6.48
N LEU A 170 -27.79 8.29 6.57
CA LEU A 170 -29.08 8.25 5.91
C LEU A 170 -30.05 9.23 6.55
N ARG A 171 -30.01 9.31 7.89
CA ARG A 171 -30.80 10.31 8.58
C ARG A 171 -30.38 11.72 8.18
N VAL A 172 -29.08 11.95 7.97
CA VAL A 172 -28.63 13.26 7.52
C VAL A 172 -29.26 13.60 6.17
N PHE A 173 -29.33 12.63 5.25
CA PHE A 173 -30.04 12.85 3.99
C PHE A 173 -31.52 13.14 4.22
N GLN A 174 -32.14 12.40 5.14
CA GLN A 174 -33.57 12.58 5.39
C GLN A 174 -33.82 13.94 6.00
N ASP A 175 -32.84 14.46 6.75
CA ASP A 175 -32.99 15.78 7.31
C ASP A 175 -32.85 16.86 6.24
N MET A 176 -32.14 16.55 5.16
CA MET A 176 -32.04 17.50 4.06
C MET A 176 -33.13 17.28 3.01
N GLY A 177 -34.09 16.40 3.26
CA GLY A 177 -35.28 16.31 2.45
C GLY A 177 -35.39 15.14 1.51
N VAL A 178 -34.46 14.17 1.54
CA VAL A 178 -34.54 13.04 0.61
C VAL A 178 -34.44 11.72 1.38
N PHE A 179 -35.01 10.67 0.78
CA PHE A 179 -34.84 9.27 1.19
C PHE A 179 -35.70 8.88 2.39
N LEU A 180 -36.82 9.59 2.62
CA LEU A 180 -37.74 9.18 3.67
C LEU A 180 -38.61 8.02 3.24
N ARG A 181 -38.87 7.91 1.95
CA ARG A 181 -39.76 6.90 1.40
C ARG A 181 -38.99 5.97 0.49
N GLU A 182 -39.44 4.72 0.44
CA GLU A 182 -38.99 3.80 -0.60
C GLU A 182 -39.56 4.21 -1.95
N GLY A 183 -38.77 4.01 -3.00
CA GLY A 183 -39.23 4.21 -4.35
C GLY A 183 -39.05 5.59 -4.92
N GLU A 184 -38.32 6.47 -4.23
CA GLU A 184 -38.00 7.76 -4.80
C GLU A 184 -36.94 7.60 -5.89
N SER A 185 -37.04 8.43 -6.91
CA SER A 185 -36.18 8.34 -8.08
C SER A 185 -35.55 9.70 -8.29
N TYR A 186 -34.23 9.74 -8.28
CA TYR A 186 -33.50 10.97 -8.55
C TYR A 186 -32.47 10.69 -9.62
N GLN A 187 -31.98 11.75 -10.24
CA GLN A 187 -30.71 11.72 -10.91
C GLN A 187 -29.69 12.49 -10.08
N GLU A 188 -28.42 12.15 -10.24
CA GLU A 188 -27.42 12.66 -9.32
C GLU A 188 -27.32 14.18 -9.42
N SER A 189 -27.34 14.73 -10.64
CA SER A 189 -27.34 16.17 -10.79
C SER A 189 -28.51 16.81 -10.04
N GLU A 190 -29.67 16.15 -10.03
CA GLU A 190 -30.87 16.72 -9.40
C GLU A 190 -30.77 16.75 -7.87
N LEU A 191 -30.04 15.81 -7.26
CA LEU A 191 -29.87 15.89 -5.80
C LEU A 191 -28.90 16.99 -5.41
N VAL A 192 -27.83 17.14 -6.18
CA VAL A 192 -26.93 18.29 -6.03
C VAL A 192 -27.74 19.59 -5.95
N SER A 193 -28.69 19.77 -6.87
CA SER A 193 -29.56 20.94 -6.83
C SER A 193 -30.48 20.92 -5.63
N GLN A 194 -31.25 19.83 -5.46
CA GLN A 194 -32.27 19.79 -4.42
C GLN A 194 -31.69 19.88 -3.01
N LEU A 195 -30.49 19.33 -2.81
CA LEU A 195 -29.85 19.41 -1.51
C LEU A 195 -29.00 20.66 -1.35
N ASN A 196 -28.83 21.42 -2.44
CA ASN A 196 -28.01 22.63 -2.45
C ASN A 196 -26.57 22.35 -1.99
N ILE A 197 -25.99 21.26 -2.49
CA ILE A 197 -24.61 20.95 -2.17
C ILE A 197 -23.70 22.00 -2.81
N SER A 198 -22.78 22.54 -2.01
CA SER A 198 -21.87 23.50 -2.58
C SER A 198 -20.95 22.83 -3.59
N PRO A 199 -20.50 23.57 -4.61
CA PRO A 199 -19.68 22.97 -5.69
C PRO A 199 -18.54 22.09 -5.22
N ARG A 200 -17.82 22.46 -4.16
CA ARG A 200 -16.65 21.71 -3.75
C ARG A 200 -16.99 20.29 -3.31
N TYR A 201 -18.24 20.01 -2.95
CA TYR A 201 -18.62 18.72 -2.38
C TYR A 201 -19.55 17.92 -3.26
N GLN A 202 -19.68 18.28 -4.54
CA GLN A 202 -20.55 17.54 -5.43
C GLN A 202 -20.05 16.11 -5.63
N ARG A 203 -18.74 15.93 -5.83
CA ARG A 203 -18.21 14.59 -5.95
C ARG A 203 -18.27 13.85 -4.61
N LEU A 204 -18.02 14.54 -3.51
CA LEU A 204 -18.20 13.85 -2.23
C LEU A 204 -19.63 13.33 -2.11
N LEU A 205 -20.62 14.08 -2.62
CA LEU A 205 -21.99 13.55 -2.56
C LEU A 205 -22.10 12.22 -3.27
N GLY A 206 -21.45 12.09 -4.43
CA GLY A 206 -21.39 10.80 -5.10
C GLY A 206 -20.84 9.70 -4.21
N ALA A 207 -19.76 9.98 -3.49
CA ALA A 207 -19.18 8.94 -2.66
C ALA A 207 -20.09 8.63 -1.48
N LEU A 208 -20.72 9.64 -0.90
CA LEU A 208 -21.67 9.39 0.19
C LEU A 208 -22.87 8.55 -0.29
N LEU A 209 -23.44 8.87 -1.48
CA LEU A 209 -24.48 8.00 -2.03
C LEU A 209 -23.96 6.58 -2.20
N GLN A 210 -22.70 6.44 -2.60
CA GLN A 210 -22.14 5.10 -2.79
C GLN A 210 -22.06 4.32 -1.48
N ILE A 211 -21.74 4.97 -0.36
CA ILE A 211 -21.81 4.31 0.95
C ILE A 211 -23.18 3.65 1.15
N LEU A 212 -24.25 4.44 0.99
CA LEU A 212 -25.60 3.85 1.15
C LEU A 212 -25.92 2.80 0.10
N HIS A 213 -25.37 2.93 -1.10
CA HIS A 213 -25.56 1.92 -2.14
C HIS A 213 -25.05 0.55 -1.70
N LYS A 214 -23.84 0.51 -1.15
CA LYS A 214 -23.24 -0.77 -0.78
C LYS A 214 -23.92 -1.39 0.44
N ARG A 215 -24.70 -0.62 1.19
CA ARG A 215 -25.42 -1.15 2.34
C ARG A 215 -26.88 -1.43 2.02
N GLY A 216 -27.25 -1.41 0.74
CA GLY A 216 -28.59 -1.79 0.36
C GLY A 216 -29.66 -0.75 0.59
N ILE A 217 -29.26 0.50 0.88
CA ILE A 217 -30.25 1.54 1.12
C ILE A 217 -30.72 2.15 -0.18
N LEU A 218 -29.81 2.31 -1.13
CA LEU A 218 -30.08 2.90 -2.43
C LEU A 218 -29.66 1.91 -3.50
N LYS A 219 -30.31 2.01 -4.66
CA LYS A 219 -29.90 1.35 -5.90
C LYS A 219 -29.39 2.45 -6.83
N ILE A 220 -28.08 2.47 -7.05
CA ILE A 220 -27.46 3.45 -7.96
C ILE A 220 -27.17 2.78 -9.30
N GLU A 221 -27.76 3.31 -10.36
CA GLU A 221 -27.55 2.83 -11.72
C GLU A 221 -26.96 3.94 -12.60
N LYS A 222 -26.68 3.58 -13.86
CA LYS A 222 -26.06 4.49 -14.81
C LYS A 222 -26.63 5.91 -14.70
N ASP A 223 -27.95 6.01 -14.64
CA ASP A 223 -28.62 7.29 -14.74
C ASP A 223 -29.42 7.70 -13.51
N ARG A 224 -29.58 6.84 -12.51
CA ARG A 224 -30.53 7.18 -11.46
C ARG A 224 -30.16 6.55 -10.11
N VAL A 225 -30.49 7.29 -9.07
CA VAL A 225 -30.43 6.85 -7.68
C VAL A 225 -31.85 6.52 -7.25
N PHE A 226 -32.06 5.28 -6.79
CA PHE A 226 -33.38 4.77 -6.46
C PHE A 226 -33.38 4.26 -5.02
N THR A 227 -34.23 4.83 -4.16
CA THR A 227 -34.27 4.36 -2.77
C THR A 227 -34.98 3.01 -2.70
N LEU A 228 -34.43 2.10 -1.89
CA LEU A 228 -34.97 0.76 -1.69
C LEU A 228 -35.74 0.68 -0.38
N ALA A 229 -36.34 -0.49 -0.14
CA ALA A 229 -37.21 -0.67 1.02
C ALA A 229 -36.47 -0.45 2.34
N ARG A 230 -35.21 -0.90 2.41
CA ARG A 230 -34.45 -0.89 3.65
C ARG A 230 -34.26 0.53 4.19
N CYS A 231 -34.41 1.54 3.33
CA CYS A 231 -34.23 2.93 3.74
C CYS A 231 -35.38 3.46 4.57
N LYS A 232 -36.49 2.73 4.68
CA LYS A 232 -37.56 3.19 5.56
C LYS A 232 -37.20 2.99 7.02
N THR A 233 -36.41 1.97 7.35
CA THR A 233 -36.16 1.58 8.73
C THR A 233 -34.72 1.74 9.20
N PHE A 234 -33.79 2.03 8.30
CA PHE A 234 -32.36 1.94 8.58
C PHE A 234 -31.82 3.14 9.36
N ALA A 235 -32.35 4.34 9.13
CA ALA A 235 -31.73 5.53 9.69
C ALA A 235 -31.95 5.61 11.19
N LEU A 236 -31.06 6.33 11.87
CA LEU A 236 -31.36 6.66 13.25
C LEU A 236 -32.66 7.46 13.35
N GLU A 237 -33.40 7.22 14.43
CA GLU A 237 -34.68 7.87 14.64
C GLU A 237 -34.57 9.11 15.52
N ASN A 238 -33.64 9.12 16.47
CA ASN A 238 -33.39 10.28 17.31
C ASN A 238 -31.88 10.41 17.41
N ILE A 239 -31.32 11.39 16.70
CA ILE A 239 -29.88 11.52 16.55
C ILE A 239 -29.22 11.71 17.91
N SER A 240 -29.74 12.65 18.69
CA SER A 240 -29.11 13.07 19.93
C SER A 240 -28.96 11.90 20.91
N SER A 241 -30.06 11.18 21.19
CA SER A 241 -30.00 10.14 22.21
C SER A 241 -29.31 8.87 21.72
N GLU A 242 -29.47 8.53 20.44
CA GLU A 242 -28.87 7.31 19.93
C GLU A 242 -27.36 7.47 19.74
N VAL A 243 -26.91 8.66 19.33
CA VAL A 243 -25.49 8.94 19.20
C VAL A 243 -24.83 8.96 20.57
N SER A 244 -25.49 9.59 21.55
CA SER A 244 -25.02 9.55 22.93
C SER A 244 -24.89 8.12 23.42
N ALA A 245 -25.88 7.28 23.13
CA ALA A 245 -25.83 5.91 23.62
C ALA A 245 -24.71 5.13 22.94
N PHE A 246 -24.52 5.36 21.64
CA PHE A 246 -23.46 4.67 20.91
C PHE A 246 -22.10 5.15 21.38
N TYR A 247 -21.95 6.47 21.59
CA TYR A 247 -20.70 7.03 22.08
C TYR A 247 -20.25 6.34 23.36
N ASP A 248 -21.18 6.19 24.31
CA ASP A 248 -20.89 5.52 25.58
C ASP A 248 -20.47 4.07 25.35
N TYR A 249 -21.23 3.34 24.54
CA TYR A 249 -20.89 1.95 24.24
C TYR A 249 -19.53 1.86 23.58
N PHE A 250 -19.31 2.68 22.55
CA PHE A 250 -18.11 2.55 21.71
C PHE A 250 -16.86 3.02 22.45
N SER A 251 -16.97 4.12 23.20
CA SER A 251 -15.81 4.64 23.90
C SER A 251 -15.29 3.66 24.94
N GLU A 252 -16.19 2.96 25.62
CA GLU A 252 -15.73 2.06 26.68
C GLU A 252 -15.22 0.74 26.11
N LYS A 253 -15.77 0.31 24.96
CA LYS A 253 -15.44 -0.99 24.39
C LYS A 253 -14.21 -0.95 23.49
N TYR A 254 -14.03 0.11 22.70
CA TYR A 254 -12.85 0.30 21.87
C TYR A 254 -12.21 1.66 22.20
N PRO A 255 -11.71 1.86 23.43
CA PRO A 255 -11.16 3.16 23.78
C PRO A 255 -10.05 3.63 22.86
N ALA A 256 -9.24 2.72 22.30
CA ALA A 256 -8.16 3.15 21.43
C ALA A 256 -8.67 3.76 20.12
N HIS A 257 -9.96 3.61 19.81
CA HIS A 257 -10.52 4.21 18.61
C HIS A 257 -11.32 5.48 18.91
N LEU A 258 -11.14 6.05 20.11
CA LEU A 258 -11.94 7.21 20.50
C LEU A 258 -11.82 8.34 19.47
N SER A 259 -10.62 8.56 18.94
CA SER A 259 -10.41 9.66 18.00
C SER A 259 -11.28 9.52 16.76
N TRP A 260 -11.38 8.30 16.21
CA TRP A 260 -12.20 8.11 15.02
C TRP A 260 -13.66 8.40 15.33
N LEU A 261 -14.14 7.96 16.48
CA LEU A 261 -15.52 8.23 16.83
C LEU A 261 -15.73 9.72 17.06
N THR A 262 -14.75 10.42 17.64
CA THR A 262 -14.95 11.83 17.89
C THR A 262 -15.00 12.61 16.58
N VAL A 263 -14.06 12.33 15.66
CA VAL A 263 -14.04 13.07 14.40
C VAL A 263 -15.32 12.83 13.60
N VAL A 264 -15.78 11.57 13.53
CA VAL A 264 -17.00 11.25 12.80
C VAL A 264 -18.22 11.90 13.47
N LYS A 265 -18.22 11.95 14.80
CA LYS A 265 -19.31 12.61 15.51
C LYS A 265 -19.34 14.10 15.18
N ARG A 266 -18.18 14.76 15.27
CA ARG A 266 -18.15 16.19 15.00
C ARG A 266 -18.55 16.50 13.55
N CYS A 267 -18.22 15.63 12.61
CA CYS A 267 -18.57 15.88 11.21
C CYS A 267 -20.07 15.71 10.97
N LEU A 268 -20.58 14.51 11.26
CA LEU A 268 -21.97 14.20 10.93
C LEU A 268 -22.93 15.15 11.63
N GLU A 269 -22.64 15.50 12.90
CA GLU A 269 -23.49 16.44 13.63
C GLU A 269 -23.74 17.72 12.86
N LYS A 270 -22.75 18.18 12.07
CA LYS A 270 -22.90 19.41 11.31
C LYS A 270 -22.88 19.19 9.79
N TYR A 271 -23.14 17.94 9.35
CA TYR A 271 -22.96 17.62 7.94
C TYR A 271 -23.82 18.43 6.97
N PRO A 272 -25.11 18.69 7.21
CA PRO A 272 -25.87 19.48 6.23
C PRO A 272 -25.25 20.85 5.98
N LEU A 273 -24.80 21.52 7.05
CA LEU A 273 -24.19 22.84 6.90
C LEU A 273 -22.82 22.75 6.26
N ILE A 274 -22.07 21.69 6.56
CA ILE A 274 -20.78 21.48 5.90
C ILE A 274 -21.01 21.26 4.40
N LEU A 275 -21.95 20.37 4.05
CA LEU A 275 -22.18 20.04 2.65
C LEU A 275 -22.74 21.21 1.86
N ARG A 276 -23.55 22.05 2.48
CA ARG A 276 -24.11 23.19 1.76
C ARG A 276 -23.12 24.36 1.63
N GLY A 277 -21.95 24.24 2.25
CA GLY A 277 -20.98 25.31 2.19
C GLY A 277 -21.21 26.42 3.19
N GLU A 278 -22.01 26.15 4.24
CA GLU A 278 -22.38 27.17 5.19
C GLU A 278 -21.48 27.21 6.41
N VAL A 279 -20.63 26.22 6.60
CA VAL A 279 -19.69 26.16 7.72
C VAL A 279 -18.41 25.49 7.21
N ASP A 280 -17.25 25.96 7.65
CA ASP A 280 -16.02 25.32 7.22
C ASP A 280 -15.64 24.16 8.13
N VAL A 281 -14.99 23.16 7.52
CA VAL A 281 -14.65 21.93 8.25
C VAL A 281 -13.55 22.18 9.26
N ASN A 282 -12.66 23.15 9.02
CA ASN A 282 -11.58 23.41 9.98
C ASN A 282 -12.09 24.04 11.27
N GLU A 283 -13.21 24.78 11.20
CA GLU A 283 -13.82 25.31 12.41
C GLU A 283 -14.61 24.24 13.18
N VAL A 284 -15.03 23.16 12.52
CA VAL A 284 -15.90 22.16 13.12
C VAL A 284 -15.11 21.00 13.71
N VAL A 285 -14.13 20.47 12.97
CA VAL A 285 -13.41 19.28 13.38
C VAL A 285 -11.98 19.60 13.83
N PHE A 286 -11.32 20.55 13.17
CA PHE A 286 -10.02 21.04 13.61
C PHE A 286 -10.17 22.14 14.66
N THR A 287 -11.01 21.89 15.66
CA THR A 287 -11.38 22.88 16.66
C THR A 287 -10.17 23.50 17.33
N ASP A 288 -9.93 24.78 17.03
CA ASP A 288 -8.96 25.62 17.76
C ASP A 288 -7.52 25.10 17.61
N GLY A 289 -7.20 24.58 16.43
CA GLY A 289 -5.87 24.02 16.23
C GLY A 289 -5.56 22.82 17.08
N ASP A 290 -6.58 22.00 17.39
CA ASP A 290 -6.42 20.76 18.13
C ASP A 290 -5.95 19.68 17.15
N MET A 291 -4.65 19.71 16.88
CA MET A 291 -4.08 18.72 15.98
C MET A 291 -3.87 17.38 16.66
N GLU A 292 -3.76 17.38 17.99
CA GLU A 292 -3.55 16.12 18.72
C GLU A 292 -4.71 15.15 18.49
N LEU A 293 -5.95 15.65 18.55
CA LEU A 293 -7.10 14.81 18.21
C LEU A 293 -6.87 14.10 16.87
N PHE A 294 -6.52 14.89 15.85
CA PHE A 294 -6.40 14.35 14.50
C PHE A 294 -5.18 13.41 14.37
N ALA A 295 -4.12 13.66 15.14
CA ALA A 295 -2.95 12.78 15.06
C ALA A 295 -3.26 11.39 15.61
N GLY A 296 -4.07 11.31 16.66
CA GLY A 296 -4.39 10.02 17.26
C GLY A 296 -5.21 9.09 16.38
N LEU A 297 -5.62 9.55 15.21
CA LEU A 297 -6.34 8.67 14.30
C LEU A 297 -5.46 7.52 13.82
N PHE A 298 -4.14 7.71 13.81
CA PHE A 298 -3.22 6.84 13.11
C PHE A 298 -2.20 6.14 13.99
N LEU A 299 -2.25 6.33 15.32
CA LEU A 299 -1.53 5.50 16.28
C LEU A 299 -2.50 5.04 17.36
N GLY A 300 -2.00 4.20 18.27
CA GLY A 300 -2.70 3.89 19.49
C GLY A 300 -3.50 2.59 19.47
N HIS A 301 -3.95 2.14 18.30
CA HIS A 301 -4.69 0.89 18.21
C HIS A 301 -3.89 -0.13 17.42
N ARG A 302 -4.16 -1.41 17.67
CA ARG A 302 -3.17 -2.42 17.30
C ARG A 302 -3.03 -2.60 15.79
N VAL A 303 -4.08 -2.36 15.01
CA VAL A 303 -3.89 -2.46 13.56
C VAL A 303 -3.02 -1.30 13.06
N ALA A 304 -3.28 -0.08 13.54
CA ALA A 304 -2.49 1.06 13.09
C ALA A 304 -1.04 0.91 13.52
N ASP A 305 -0.82 0.45 14.77
CA ASP A 305 0.56 0.27 15.22
C ASP A 305 1.25 -0.85 14.46
N TYR A 306 0.50 -1.84 13.98
CA TYR A 306 1.08 -2.92 13.18
C TYR A 306 1.62 -2.39 11.85
N PHE A 307 0.82 -1.55 11.17
CA PHE A 307 1.31 -0.99 9.92
C PHE A 307 2.43 0.01 10.13
N ASN A 308 2.39 0.76 11.24
CA ASN A 308 3.49 1.68 11.54
C ASN A 308 4.78 0.90 11.77
N GLU A 309 4.67 -0.17 12.56
CA GLU A 309 5.82 -1.04 12.84
C GLU A 309 6.34 -1.67 11.55
N LEU A 310 5.45 -2.01 10.64
CA LEU A 310 5.86 -2.61 9.37
C LEU A 310 6.59 -1.59 8.49
N LEU A 311 6.00 -0.40 8.33
CA LEU A 311 6.67 0.68 7.61
C LEU A 311 8.03 1.01 8.23
N ALA A 312 8.07 1.14 9.55
CA ALA A 312 9.29 1.64 10.20
C ALA A 312 10.39 0.58 10.21
N ASP A 313 10.04 -0.66 10.51
CA ASP A 313 11.05 -1.72 10.48
C ASP A 313 11.58 -1.90 9.07
N GLY A 314 10.73 -1.75 8.06
CA GLY A 314 11.20 -1.91 6.70
C GLY A 314 12.24 -0.88 6.33
N VAL A 315 11.98 0.39 6.66
CA VAL A 315 12.95 1.43 6.37
C VAL A 315 14.18 1.28 7.26
N CYS A 316 14.00 0.86 8.50
CA CYS A 316 15.15 0.63 9.37
C CYS A 316 16.05 -0.45 8.78
N TRP A 317 15.45 -1.57 8.34
CA TRP A 317 16.22 -2.64 7.75
C TRP A 317 16.94 -2.20 6.48
N GLU A 318 16.24 -1.47 5.62
CA GLU A 318 16.88 -0.98 4.39
C GLU A 318 18.07 -0.07 4.68
N VAL A 319 17.97 0.76 5.73
CA VAL A 319 19.10 1.63 6.09
C VAL A 319 20.30 0.82 6.54
N GLU A 320 20.09 -0.20 7.39
CA GLU A 320 21.20 -1.04 7.83
C GLU A 320 21.80 -1.85 6.68
N GLN A 321 20.98 -2.25 5.72
CA GLN A 321 21.50 -2.91 4.51
C GLN A 321 22.49 -2.00 3.79
N ARG A 322 22.11 -0.74 3.60
CA ARG A 322 22.97 0.20 2.90
C ARG A 322 24.14 0.68 3.75
N LEU A 323 24.04 0.59 5.07
CA LEU A 323 25.19 0.89 5.91
C LEU A 323 26.28 -0.17 5.83
N LEU A 324 25.99 -1.33 5.22
CA LEU A 324 26.95 -2.42 5.08
C LEU A 324 27.78 -2.30 3.82
N GLU A 325 27.99 -1.10 3.34
CA GLU A 325 28.64 -0.91 2.06
C GLU A 325 29.83 0.00 2.27
N GLU A 326 30.98 -0.35 1.67
CA GLU A 326 32.28 0.21 2.05
C GLU A 326 32.65 1.52 1.34
N LYS A 327 31.96 1.97 0.28
CA LYS A 327 32.42 3.22 -0.31
C LYS A 327 32.20 4.38 0.67
N ARG A 328 31.12 4.31 1.47
CA ARG A 328 30.80 5.30 2.50
C ARG A 328 30.53 6.67 1.88
N ALA A 329 31.31 7.66 2.31
CA ALA A 329 31.23 9.04 1.85
C ALA A 329 29.92 9.72 2.24
N GLN A 330 28.99 9.86 1.30
CA GLN A 330 27.79 10.65 1.50
C GLN A 330 26.84 9.99 2.50
N PRO A 331 26.18 10.76 3.35
CA PRO A 331 25.17 10.17 4.25
C PRO A 331 23.97 9.64 3.48
N ILE A 332 23.29 8.70 4.14
CA ILE A 332 22.06 8.15 3.61
C ILE A 332 20.93 9.13 3.88
N ARG A 333 20.24 9.54 2.82
CA ARG A 333 19.28 10.64 2.89
C ARG A 333 17.89 10.05 2.76
N ILE A 334 17.07 10.32 3.76
CA ILE A 334 15.69 9.86 3.83
C ILE A 334 14.80 11.07 3.74
N LEU A 335 13.73 10.98 2.95
CA LEU A 335 12.75 12.05 2.86
C LEU A 335 11.37 11.49 3.13
N GLU A 336 10.60 12.17 3.99
CA GLU A 336 9.20 11.80 4.21
C GLU A 336 8.31 12.86 3.59
N ILE A 337 7.51 12.45 2.60
CA ILE A 337 6.51 13.34 1.99
C ILE A 337 5.30 13.43 2.91
N GLY A 338 4.78 14.64 3.07
CA GLY A 338 3.55 14.82 3.84
C GLY A 338 3.63 14.27 5.24
N ALA A 339 4.73 14.53 5.95
CA ALA A 339 4.90 13.93 7.27
C ALA A 339 3.83 14.38 8.26
N GLY A 340 3.17 15.51 8.01
CA GLY A 340 1.99 15.84 8.79
C GLY A 340 2.32 16.13 10.25
N THR A 341 1.61 15.48 11.15
CA THR A 341 1.89 15.60 12.58
C THR A 341 2.98 14.65 13.04
N GLY A 342 3.63 13.95 12.11
CA GLY A 342 4.80 13.14 12.43
C GLY A 342 4.51 12.00 13.38
N GLY A 343 3.33 11.40 13.30
CA GLY A 343 2.98 10.30 14.16
C GLY A 343 3.80 9.05 13.89
N VAL A 344 3.73 8.56 12.65
CA VAL A 344 4.57 7.43 12.27
C VAL A 344 6.04 7.87 12.21
N THR A 345 6.30 9.14 11.90
CA THR A 345 7.66 9.65 11.83
C THR A 345 8.37 9.48 13.15
N GLY A 346 7.66 9.71 14.26
CA GLY A 346 8.28 9.65 15.56
C GLY A 346 8.75 8.25 15.91
N ILE A 347 7.99 7.23 15.52
CA ILE A 347 8.42 5.87 15.82
C ILE A 347 9.58 5.48 14.91
N LEU A 348 9.67 6.09 13.73
CA LEU A 348 10.77 5.75 12.85
C LEU A 348 12.05 6.46 13.29
N LEU A 349 11.94 7.72 13.70
CA LEU A 349 13.15 8.43 14.12
C LEU A 349 13.78 7.75 15.33
N GLU A 350 12.95 7.24 16.25
CA GLU A 350 13.49 6.47 17.37
C GLU A 350 14.22 5.22 16.89
N LYS A 351 13.73 4.62 15.82
CA LYS A 351 14.36 3.43 15.27
C LYS A 351 15.70 3.77 14.62
N LEU A 352 15.71 4.81 13.77
CA LEU A 352 16.91 5.21 13.05
C LEU A 352 17.91 5.94 13.93
N ALA A 353 17.50 6.39 15.12
CA ALA A 353 18.35 7.28 15.90
C ALA A 353 19.68 6.64 16.29
N SER A 354 19.79 5.31 16.25
CA SER A 354 21.07 4.66 16.54
C SER A 354 22.10 5.02 15.48
N HIS A 355 21.66 5.18 14.22
CA HIS A 355 22.53 5.38 13.07
C HIS A 355 22.60 6.85 12.66
N ALA A 356 22.43 7.75 13.64
CA ALA A 356 22.17 9.16 13.37
C ALA A 356 23.27 9.81 12.54
N GLU A 357 24.47 9.27 12.57
CA GLU A 357 25.61 9.95 11.98
C GLU A 357 25.85 9.59 10.52
N GLN A 358 25.23 8.52 10.05
CA GLN A 358 25.29 8.17 8.64
C GLN A 358 24.01 8.51 7.89
N ILE A 359 22.97 8.93 8.60
CA ILE A 359 21.68 9.17 8.00
C ILE A 359 21.37 10.66 8.05
N GLU A 360 20.56 11.09 7.11
CA GLU A 360 20.06 12.46 7.05
C GLU A 360 18.60 12.39 6.70
N PHE A 361 17.73 12.88 7.61
CA PHE A 361 16.29 12.68 7.49
C PHE A 361 15.61 14.02 7.23
N TRP A 362 14.84 14.08 6.15
N TRP A 362 14.84 14.08 6.15
CA TRP A 362 14.11 15.29 5.77
CA TRP A 362 14.10 15.28 5.76
C TRP A 362 12.65 15.12 6.16
C TRP A 362 12.64 15.11 6.16
N PHE A 363 12.21 15.86 7.18
CA PHE A 363 10.81 15.92 7.55
C PHE A 363 10.15 16.99 6.68
N THR A 364 9.23 16.59 5.80
CA THR A 364 8.66 17.58 4.87
C THR A 364 7.14 17.44 4.81
N ASP A 365 6.51 18.54 4.41
CA ASP A 365 5.06 18.60 4.21
C ASP A 365 4.78 19.73 3.24
N ILE A 366 3.63 19.66 2.56
CA ILE A 366 3.26 20.77 1.69
C ILE A 366 3.03 22.04 2.51
N SER A 367 2.54 21.90 3.74
CA SER A 367 2.17 23.04 4.57
C SER A 367 3.27 23.37 5.57
N SER A 368 3.69 24.64 5.56
CA SER A 368 4.59 25.16 6.57
C SER A 368 4.07 24.89 8.00
N VAL A 369 2.76 24.83 8.18
CA VAL A 369 2.19 24.57 9.50
C VAL A 369 2.68 23.23 10.05
N PHE A 370 2.82 22.22 9.17
CA PHE A 370 3.17 20.88 9.63
C PHE A 370 4.68 20.66 9.74
N THR A 371 5.49 21.37 8.94
CA THR A 371 6.92 21.27 9.17
C THR A 371 7.31 21.94 10.48
N ARG A 372 6.62 23.03 10.86
CA ARG A 372 6.91 23.66 12.14
C ARG A 372 6.39 22.83 13.31
N TYR A 373 5.20 22.24 13.15
CA TYR A 373 4.77 21.20 14.08
C TYR A 373 5.86 20.15 14.25
N GLY A 374 6.45 19.72 13.13
CA GLY A 374 7.43 18.65 13.19
C GLY A 374 8.66 19.05 13.98
N GLU A 375 9.18 20.26 13.71
CA GLU A 375 10.38 20.68 14.41
C GLU A 375 10.08 20.93 15.89
N SER A 376 8.84 21.30 16.21
CA SER A 376 8.46 21.39 17.61
C SER A 376 8.57 20.03 18.31
N LYS A 377 8.32 18.95 17.57
CA LYS A 377 8.39 17.60 18.14
C LYS A 377 9.77 16.97 18.06
N PHE A 378 10.58 17.33 17.07
CA PHE A 378 11.84 16.64 16.82
C PHE A 378 13.06 17.57 16.82
N LYS A 379 12.96 18.74 17.46
CA LYS A 379 14.09 19.66 17.47
C LYS A 379 15.31 19.06 18.18
N GLN A 380 15.09 18.08 19.06
CA GLN A 380 16.21 17.45 19.74
C GLN A 380 17.04 16.58 18.81
N PHE A 381 16.57 16.27 17.62
CA PHE A 381 17.34 15.43 16.71
C PHE A 381 18.15 16.28 15.76
N PRO A 382 19.49 16.36 15.91
CA PRO A 382 20.29 17.24 15.06
C PRO A 382 20.20 16.88 13.57
N TRP A 383 19.95 15.62 13.25
CA TRP A 383 20.05 15.07 11.90
C TRP A 383 18.74 15.13 11.12
N VAL A 384 17.68 15.72 11.67
CA VAL A 384 16.42 15.89 10.96
C VAL A 384 16.38 17.32 10.42
N LYS A 385 16.11 17.44 9.12
CA LYS A 385 16.01 18.72 8.42
C LYS A 385 14.55 18.94 8.03
N TYR A 386 14.18 20.20 7.89
CA TYR A 386 12.79 20.55 7.60
C TYR A 386 12.70 21.35 6.32
N GLN A 387 11.66 21.07 5.55
CA GLN A 387 11.46 21.75 4.28
C GLN A 387 10.01 21.58 3.89
N THR A 388 9.42 22.65 3.36
CA THR A 388 8.15 22.48 2.67
C THR A 388 8.42 21.82 1.32
N PHE A 389 7.61 20.82 0.99
CA PHE A 389 7.77 20.12 -0.27
C PHE A 389 6.38 19.71 -0.74
N ASP A 390 6.10 19.96 -2.02
CA ASP A 390 4.87 19.49 -2.66
C ASP A 390 5.28 18.47 -3.72
N ILE A 391 4.82 17.23 -3.56
CA ILE A 391 5.22 16.14 -4.45
C ILE A 391 4.71 16.40 -5.88
N GLU A 392 3.61 17.16 -6.02
CA GLU A 392 3.09 17.47 -7.34
C GLU A 392 3.84 18.60 -8.05
N LYS A 393 4.70 19.33 -7.34
CA LYS A 393 5.39 20.47 -7.92
C LYS A 393 6.83 20.09 -8.28
N SER A 394 7.39 20.88 -9.20
CA SER A 394 8.72 20.62 -9.74
C SER A 394 9.80 20.64 -8.66
N LEU A 395 10.70 19.63 -8.72
CA LEU A 395 11.81 19.56 -7.77
C LEU A 395 12.69 20.81 -7.83
N ASP A 396 13.03 21.25 -9.04
CA ASP A 396 13.92 22.40 -9.19
C ASP A 396 13.34 23.64 -8.54
N ALA A 397 12.10 23.93 -8.83
CA ALA A 397 11.50 25.09 -8.25
C ALA A 397 11.46 25.01 -6.75
N GLN A 398 11.58 23.82 -6.19
CA GLN A 398 11.49 23.70 -4.76
C GLN A 398 12.83 23.50 -4.12
N GLY A 399 13.88 23.62 -4.91
CA GLY A 399 15.22 23.49 -4.40
C GLY A 399 15.62 22.14 -3.88
N ILE A 400 15.30 21.12 -4.64
CA ILE A 400 15.64 19.74 -4.29
C ILE A 400 16.38 19.11 -5.46
N LYS A 401 17.56 18.56 -5.20
CA LYS A 401 18.28 17.82 -6.22
C LYS A 401 17.52 16.56 -6.57
N SER A 402 17.42 16.27 -7.85
CA SER A 402 16.84 15.01 -8.26
C SER A 402 17.80 13.86 -7.96
N GLU A 403 17.21 12.67 -7.78
CA GLU A 403 17.97 11.42 -7.71
C GLU A 403 19.02 11.48 -6.60
N SER A 404 18.65 12.08 -5.48
CA SER A 404 19.57 12.34 -4.37
C SER A 404 19.17 11.64 -3.08
N PHE A 405 18.02 10.97 -3.06
CA PHE A 405 17.52 10.32 -1.87
C PHE A 405 17.58 8.80 -1.98
N ASP A 406 17.84 8.16 -0.84
CA ASP A 406 17.93 6.71 -0.74
C ASP A 406 16.62 6.08 -0.32
N VAL A 407 15.83 6.79 0.49
CA VAL A 407 14.53 6.32 0.93
C VAL A 407 13.57 7.48 0.84
N VAL A 408 12.41 7.26 0.19
CA VAL A 408 11.30 8.20 0.21
C VAL A 408 10.11 7.54 0.88
N ILE A 409 9.53 8.24 1.86
CA ILE A 409 8.43 7.74 2.68
C ILE A 409 7.20 8.61 2.42
N ALA A 410 6.07 7.95 2.20
CA ALA A 410 4.81 8.66 1.97
C ALA A 410 3.69 7.87 2.65
N ASN A 411 3.19 8.38 3.77
CA ASN A 411 2.16 7.74 4.58
C ASN A 411 0.79 8.37 4.26
N ASN A 412 0.00 7.69 3.44
CA ASN A 412 -1.38 8.08 3.12
C ASN A 412 -1.47 9.52 2.62
N VAL A 413 -0.67 9.85 1.60
CA VAL A 413 -0.64 11.21 1.07
C VAL A 413 -0.67 11.16 -0.45
N LEU A 414 0.00 10.18 -1.04
CA LEU A 414 0.20 10.19 -2.48
C LEU A 414 -1.12 10.12 -3.25
N HIS A 415 -2.17 9.56 -2.66
CA HIS A 415 -3.45 9.55 -3.37
C HIS A 415 -4.08 10.94 -3.47
N ASN A 416 -3.76 11.85 -2.53
CA ASN A 416 -4.33 13.19 -2.56
C ASN A 416 -3.67 14.05 -3.63
N THR A 417 -3.62 13.56 -4.86
CA THR A 417 -2.98 14.30 -5.94
C THR A 417 -3.81 14.12 -7.19
N LYS A 418 -3.47 14.89 -8.21
CA LYS A 418 -4.29 15.01 -9.41
C LYS A 418 -4.13 13.81 -10.33
N LEU A 419 -2.89 13.39 -10.61
CA LEU A 419 -2.63 12.29 -11.54
C LEU A 419 -1.60 11.36 -10.94
N ILE A 420 -2.03 10.14 -10.54
CA ILE A 420 -1.16 9.26 -9.75
C ILE A 420 0.13 8.91 -10.51
N HIS A 421 0.09 8.88 -11.85
CA HIS A 421 1.28 8.62 -12.63
C HIS A 421 2.27 9.78 -12.58
N GLN A 422 1.76 11.01 -12.54
CA GLN A 422 2.68 12.12 -12.36
C GLN A 422 3.26 12.15 -10.94
N THR A 423 2.48 11.73 -9.95
CA THR A 423 2.99 11.74 -8.58
C THR A 423 4.08 10.71 -8.39
N LEU A 424 3.91 9.52 -8.97
CA LEU A 424 4.93 8.49 -8.78
C LEU A 424 6.17 8.77 -9.63
N ASN A 425 6.00 9.33 -10.82
CA ASN A 425 7.14 9.84 -11.57
C ASN A 425 7.95 10.83 -10.75
N ASN A 426 7.27 11.81 -10.15
CA ASN A 426 7.98 12.76 -9.30
C ASN A 426 8.64 12.06 -8.14
N SER A 427 7.96 11.08 -7.53
CA SER A 427 8.60 10.29 -6.47
C SER A 427 9.83 9.57 -7.01
N ASN A 428 9.70 8.96 -8.20
CA ASN A 428 10.85 8.34 -8.85
C ASN A 428 12.01 9.33 -9.01
N SER A 429 11.71 10.56 -9.44
CA SER A 429 12.75 11.58 -9.60
C SER A 429 13.50 11.87 -8.30
N LEU A 430 12.85 11.67 -7.16
CA LEU A 430 13.53 11.92 -5.89
C LEU A 430 14.64 10.91 -5.65
N LEU A 431 14.40 9.64 -5.96
CA LEU A 431 15.30 8.55 -5.59
C LEU A 431 16.44 8.37 -6.60
N ASN A 432 17.60 7.96 -6.08
CA ASN A 432 18.63 7.42 -6.96
C ASN A 432 18.29 5.96 -7.31
N THR A 433 18.98 5.42 -8.30
CA THR A 433 18.68 4.06 -8.70
C THR A 433 18.95 3.11 -7.54
N GLY A 434 18.01 2.19 -7.30
CA GLY A 434 18.06 1.33 -6.14
C GLY A 434 17.46 1.92 -4.88
N GLY A 435 17.04 3.17 -4.91
CA GLY A 435 16.39 3.75 -3.75
C GLY A 435 15.02 3.14 -3.52
N LEU A 436 14.55 3.31 -2.30
CA LEU A 436 13.40 2.60 -1.77
C LEU A 436 12.22 3.54 -1.59
N LEU A 437 11.09 3.22 -2.21
CA LEU A 437 9.82 3.90 -1.93
C LEU A 437 9.05 3.11 -0.87
N ALA A 438 8.60 3.81 0.18
CA ALA A 438 7.92 3.17 1.28
C ALA A 438 6.56 3.85 1.49
N LEU A 439 5.48 3.14 1.19
CA LEU A 439 4.14 3.71 1.29
C LEU A 439 3.30 3.03 2.36
N LEU A 440 2.43 3.81 2.97
CA LEU A 440 1.30 3.31 3.77
C LEU A 440 0.04 3.93 3.16
N GLU A 441 -0.87 3.08 2.71
CA GLU A 441 -2.04 3.54 1.98
C GLU A 441 -3.25 2.75 2.41
N PHE A 442 -4.38 3.44 2.53
CA PHE A 442 -5.66 2.75 2.53
C PHE A 442 -5.98 2.24 1.14
N THR A 443 -6.39 0.98 1.02
CA THR A 443 -6.46 0.37 -0.30
C THR A 443 -7.82 -0.27 -0.61
N GLN A 444 -8.86 0.10 0.13
CA GLN A 444 -10.24 -0.11 -0.27
C GLN A 444 -11.00 1.20 -0.17
N PRO A 445 -12.11 1.36 -0.91
CA PRO A 445 -12.86 2.64 -0.72
C PRO A 445 -13.68 2.62 0.56
N ILE A 446 -12.97 2.70 1.70
CA ILE A 446 -13.58 2.51 3.01
C ILE A 446 -14.48 3.70 3.39
N ASP A 447 -15.64 3.39 4.00
CA ASP A 447 -16.54 4.47 4.41
C ASP A 447 -15.87 5.40 5.41
N ILE A 448 -15.28 4.83 6.47
CA ILE A 448 -14.78 5.61 7.60
C ILE A 448 -14.01 6.83 7.13
N LEU A 449 -13.26 6.68 6.03
CA LEU A 449 -12.38 7.75 5.57
C LEU A 449 -13.14 8.87 4.86
N LEU A 450 -14.32 8.59 4.33
CA LEU A 450 -15.04 9.62 3.58
C LEU A 450 -15.53 10.71 4.49
N TYR A 451 -16.02 10.36 5.70
CA TYR A 451 -16.81 11.30 6.48
C TYR A 451 -16.04 12.57 6.80
N PHE A 452 -14.75 12.45 7.10
CA PHE A 452 -13.88 13.59 7.31
C PHE A 452 -12.83 13.76 6.22
N GLY A 453 -12.12 12.69 5.85
CA GLY A 453 -11.12 12.82 4.80
C GLY A 453 -11.71 13.33 3.51
N GLY A 454 -12.92 12.88 3.17
CA GLY A 454 -13.59 13.39 2.00
C GLY A 454 -13.97 14.85 2.09
N LEU A 455 -13.84 15.47 3.27
CA LEU A 455 -14.16 16.89 3.39
C LEU A 455 -13.03 17.79 2.92
N LEU A 456 -11.81 17.27 2.83
CA LEU A 456 -10.65 18.04 2.43
C LEU A 456 -10.45 18.00 0.92
N GLN A 457 -9.91 19.09 0.37
CA GLN A 457 -9.85 19.29 -1.07
C GLN A 457 -8.89 18.32 -1.76
N GLY A 458 -7.79 17.94 -1.09
CA GLY A 458 -6.83 17.02 -1.71
C GLY A 458 -7.44 15.69 -2.04
N PHE A 459 -8.46 15.27 -1.30
CA PHE A 459 -9.17 14.05 -1.63
C PHE A 459 -9.81 14.08 -3.01
N TRP A 460 -10.03 15.26 -3.61
CA TRP A 460 -10.79 15.39 -4.85
C TRP A 460 -9.99 15.99 -5.98
N LEU A 461 -8.67 16.08 -5.84
CA LEU A 461 -7.85 16.57 -6.95
C LEU A 461 -7.87 15.62 -8.13
N PHE A 462 -8.05 14.32 -7.88
CA PHE A 462 -7.74 13.32 -8.89
C PHE A 462 -8.50 13.54 -10.17
N GLU A 463 -7.80 13.35 -11.28
CA GLU A 463 -8.36 13.48 -12.62
C GLU A 463 -8.20 12.21 -13.42
N ASP A 464 -7.77 11.12 -12.79
CA ASP A 464 -7.51 9.86 -13.49
C ASP A 464 -8.32 8.76 -12.81
N PRO A 465 -9.66 8.83 -12.86
CA PRO A 465 -10.47 7.81 -12.19
C PRO A 465 -10.24 6.40 -12.72
N GLU A 466 -9.74 6.27 -13.96
CA GLU A 466 -9.45 4.97 -14.52
C GLU A 466 -8.40 4.22 -13.71
N TYR A 467 -7.65 4.91 -12.86
CA TYR A 467 -6.67 4.27 -11.98
C TYR A 467 -7.05 4.40 -10.51
N ARG A 468 -8.33 4.62 -10.20
CA ARG A 468 -8.80 4.69 -8.81
C ARG A 468 -9.97 3.75 -8.56
N LEU A 469 -10.29 3.57 -7.27
CA LEU A 469 -11.38 2.71 -6.84
C LEU A 469 -12.70 3.47 -6.80
N GLU A 470 -13.76 2.82 -7.29
CA GLU A 470 -15.12 3.35 -7.23
C GLU A 470 -15.22 4.84 -7.57
N VAL A 471 -15.59 5.66 -6.59
CA VAL A 471 -15.78 7.09 -6.82
C VAL A 471 -14.96 7.95 -5.85
N GLY A 472 -13.87 7.41 -5.31
CA GLY A 472 -12.92 8.19 -4.56
C GLY A 472 -11.52 8.24 -5.17
N CYS A 473 -10.52 8.61 -4.36
CA CYS A 473 -9.15 8.81 -4.82
C CYS A 473 -8.20 7.67 -4.46
N LEU A 474 -8.67 6.62 -3.77
CA LEU A 474 -7.77 5.56 -3.35
C LEU A 474 -7.42 4.62 -4.51
N LEU A 475 -6.31 3.92 -4.35
CA LEU A 475 -5.93 2.81 -5.21
C LEU A 475 -5.92 1.51 -4.40
N SER A 476 -6.42 0.44 -5.01
CA SER A 476 -6.24 -0.90 -4.47
C SER A 476 -4.80 -1.38 -4.64
N ILE A 477 -4.50 -2.51 -4.00
CA ILE A 477 -3.20 -3.18 -4.19
C ILE A 477 -2.87 -3.43 -5.67
N PRO A 478 -3.78 -4.06 -6.45
CA PRO A 478 -3.45 -4.25 -7.89
C PRO A 478 -3.24 -2.95 -8.65
N LEU A 479 -4.07 -1.93 -8.43
CA LEU A 479 -3.85 -0.67 -9.11
C LEU A 479 -2.51 -0.06 -8.72
N TRP A 480 -2.12 -0.18 -7.45
CA TRP A 480 -0.80 0.31 -7.02
C TRP A 480 0.31 -0.48 -7.71
N GLN A 481 0.17 -1.79 -7.80
CA GLN A 481 1.17 -2.57 -8.52
C GLN A 481 1.27 -2.13 -9.96
N LYS A 482 0.12 -1.89 -10.61
CA LYS A 482 0.14 -1.45 -11.99
C LYS A 482 0.82 -0.10 -12.13
N VAL A 483 0.44 0.88 -11.30
CA VAL A 483 0.98 2.21 -11.50
C VAL A 483 2.47 2.27 -11.10
N LEU A 484 2.87 1.56 -10.03
CA LEU A 484 4.28 1.56 -9.66
C LEU A 484 5.16 0.98 -10.75
N SER A 485 4.72 -0.11 -11.40
CA SER A 485 5.49 -0.65 -12.51
C SER A 485 5.52 0.32 -13.68
N ASP A 486 4.38 0.95 -13.99
CA ASP A 486 4.34 1.94 -15.06
C ASP A 486 5.30 3.11 -14.82
N CYS A 487 5.66 3.38 -13.56
CA CYS A 487 6.48 4.53 -13.20
C CYS A 487 7.90 4.15 -12.82
N GLY A 488 8.36 2.97 -13.23
CA GLY A 488 9.76 2.63 -13.11
C GLY A 488 10.18 1.99 -11.82
N PHE A 489 9.25 1.46 -11.02
CA PHE A 489 9.61 0.68 -9.84
C PHE A 489 9.42 -0.81 -10.09
N ASP A 490 10.28 -1.60 -9.46
CA ASP A 490 10.13 -3.06 -9.42
C ASP A 490 10.30 -3.46 -7.96
N GLU A 491 10.49 -4.77 -7.72
CA GLU A 491 10.55 -5.35 -6.37
C GLU A 491 9.39 -4.87 -5.49
N ILE A 492 8.20 -4.77 -6.08
CA ILE A 492 7.06 -4.23 -5.35
C ILE A 492 6.56 -5.25 -4.34
N ILE A 493 6.46 -4.83 -3.09
CA ILE A 493 6.08 -5.71 -1.98
C ILE A 493 4.85 -5.13 -1.30
N PRO A 494 3.64 -5.67 -1.61
CA PRO A 494 2.41 -5.23 -0.92
C PRO A 494 2.19 -6.00 0.37
N LEU A 495 1.92 -5.33 1.48
CA LEU A 495 1.78 -5.99 2.77
C LEU A 495 0.43 -5.65 3.40
N GLY A 496 -0.23 -6.65 3.93
CA GLY A 496 -1.45 -6.44 4.68
C GLY A 496 -1.35 -7.12 6.02
N LEU A 497 -2.46 -7.25 6.71
CA LEU A 497 -2.50 -8.05 7.93
C LEU A 497 -2.14 -9.51 7.63
N PRO A 498 -1.60 -10.24 8.62
CA PRO A 498 -1.12 -11.60 8.32
C PRO A 498 -2.18 -12.50 7.75
N CYS A 499 -3.42 -12.40 8.25
CA CYS A 499 -4.53 -13.26 7.84
C CYS A 499 -5.04 -12.97 6.42
N GLU A 500 -4.51 -11.97 5.72
CA GLU A 500 -4.98 -11.65 4.39
C GLU A 500 -3.84 -11.51 3.38
N MET A 501 -2.63 -11.98 3.70
CA MET A 501 -1.54 -11.87 2.75
C MET A 501 -1.87 -12.58 1.44
N HIS A 502 -2.78 -13.55 1.48
CA HIS A 502 -3.28 -14.23 0.28
C HIS A 502 -4.52 -13.55 -0.33
N ALA A 503 -5.00 -12.44 0.23
CA ALA A 503 -6.25 -11.82 -0.21
C ALA A 503 -6.11 -10.31 -0.23
N LEU A 504 -4.96 -9.81 -0.67
CA LEU A 504 -4.70 -8.38 -0.54
C LEU A 504 -5.53 -7.52 -1.50
N SER A 505 -6.11 -8.09 -2.54
CA SER A 505 -6.99 -7.32 -3.42
C SER A 505 -8.20 -6.77 -2.69
N LYS A 506 -8.50 -7.28 -1.49
CA LYS A 506 -9.62 -6.81 -0.68
C LYS A 506 -9.16 -6.14 0.60
N ALA A 507 -7.87 -5.86 0.76
CA ALA A 507 -7.34 -5.35 2.03
C ALA A 507 -7.68 -3.88 2.21
N ARG A 508 -8.09 -3.51 3.44
CA ARG A 508 -8.45 -2.12 3.70
C ARG A 508 -7.21 -1.23 3.71
N GLU A 509 -6.08 -1.76 4.17
CA GLU A 509 -4.89 -0.95 4.42
C GLU A 509 -3.65 -1.77 4.12
N SER A 510 -2.63 -1.11 3.60
CA SER A 510 -1.49 -1.86 3.12
C SER A 510 -0.25 -1.00 3.18
N VAL A 511 0.83 -1.57 3.69
CA VAL A 511 2.17 -1.01 3.54
C VAL A 511 2.75 -1.58 2.25
N ILE A 512 3.30 -0.70 1.41
CA ILE A 512 3.87 -1.11 0.13
C ILE A 512 5.28 -0.55 0.02
N PHE A 513 6.26 -1.42 -0.17
CA PHE A 513 7.61 -1.00 -0.54
C PHE A 513 7.86 -1.26 -2.01
N ALA A 514 8.68 -0.39 -2.61
CA ALA A 514 9.04 -0.57 -4.01
C ALA A 514 10.41 0.05 -4.24
N ARG A 515 11.07 -0.40 -5.30
CA ARG A 515 12.46 -0.05 -5.57
C ARG A 515 12.60 0.59 -6.95
N LYS A 516 13.36 1.68 -7.02
CA LYS A 516 13.67 2.31 -8.29
C LYS A 516 14.67 1.47 -9.07
N HIS A 517 14.34 1.15 -10.32
CA HIS A 517 15.29 0.48 -11.21
C HIS A 517 15.83 1.48 -12.25
#